data_1PCK
#
_entry.id   1PCK
#
_cell.length_a   84.254
_cell.length_b   84.254
_cell.length_c   159.599
_cell.angle_alpha   90.00
_cell.angle_beta   90.00
_cell.angle_gamma   120.00
#
_symmetry.space_group_name_H-M   'P 31 2 1'
#
loop_
_entity.id
_entity.type
_entity.pdbx_description
1 polymer '2-dehydro-3-deoxyphosphooctonate aldolase'
2 non-polymer 'PHOSPHATE ION'
3 non-polymer 'CADMIUM ION'
4 non-polymer '2-(PHOSPHONOOXY)BUTANOIC ACID'
5 water water
#
_entity_poly.entity_id   1
_entity_poly.type   'polypeptide(L)'
_entity_poly.pdbx_seq_one_letter_code
;MEKFLVIAGPCAIESEELLLKVGEEIKRLSEKFKEVEFVFKSSFDKANRSSIHSFRGHGLEYGVKALRKVKEEFGLKITT
DIHESWQAEPVAEVADIIQIPAFLCRQTDLLLAAAKTGRAVNVKKGQFLAPWDTKNVVEKLKFGGAKEIYLTERGTTFGY
NNLVVDFRSLPIMKQWAKVIYDATHSVQLPGGLGDKSGGMREFIFPLIRAAVAVGCDGVFMETHPEPEKALSDASTQLPL
SQLEGIIEAILEIREVASKYYETIPVK
;
_entity_poly.pdbx_strand_id   A,B
#
loop_
_chem_comp.id
_chem_comp.type
_chem_comp.name
_chem_comp.formula
CD non-polymer 'CADMIUM ION' 'Cd 2'
PEZ non-polymer '2-(PHOSPHONOOXY)BUTANOIC ACID' 'C4 H9 O6 P'
PO4 non-polymer 'PHOSPHATE ION' 'O4 P -3'
#
# COMPACT_ATOMS: atom_id res chain seq x y z
N GLU A 2 16.33 -11.25 26.30
CA GLU A 2 14.85 -11.05 26.35
C GLU A 2 14.14 -12.25 25.72
N LYS A 3 12.86 -12.41 26.03
CA LYS A 3 12.09 -13.52 25.49
C LYS A 3 11.88 -13.33 24.00
N PHE A 4 12.38 -14.28 23.21
CA PHE A 4 12.28 -14.23 21.75
C PHE A 4 10.83 -14.49 21.31
N LEU A 5 10.37 -13.70 20.34
CA LEU A 5 9.00 -13.88 19.87
C LEU A 5 8.93 -14.76 18.63
N VAL A 6 7.95 -15.67 18.62
CA VAL A 6 7.72 -16.52 17.46
C VAL A 6 6.25 -16.35 17.12
N ILE A 7 5.99 -15.64 16.03
CA ILE A 7 4.62 -15.42 15.56
C ILE A 7 4.42 -16.46 14.47
N ALA A 8 3.47 -17.36 14.67
CA ALA A 8 3.24 -18.42 13.70
C ALA A 8 1.81 -18.88 13.62
N GLY A 9 1.43 -19.36 12.45
CA GLY A 9 0.09 -19.84 12.23
C GLY A 9 -0.23 -19.91 10.76
N PRO A 10 -1.38 -20.47 10.40
CA PRO A 10 -1.75 -20.55 8.99
C PRO A 10 -2.03 -19.16 8.45
N CYS A 11 -1.63 -18.92 7.20
CA CYS A 11 -1.82 -17.62 6.57
C CYS A 11 -3.26 -17.12 6.71
N ALA A 12 -4.21 -17.94 6.30
CA ALA A 12 -5.62 -17.55 6.35
C ALA A 12 -6.45 -18.51 7.19
N ILE A 13 -7.53 -17.99 7.77
CA ILE A 13 -8.42 -18.79 8.59
C ILE A 13 -9.33 -19.57 7.65
N GLU A 14 -8.78 -20.64 7.09
CA GLU A 14 -9.52 -21.51 6.17
C GLU A 14 -10.71 -22.14 6.87
N SER A 15 -10.54 -22.41 8.16
CA SER A 15 -11.59 -23.02 8.97
C SER A 15 -11.13 -22.99 10.41
N GLU A 16 -12.07 -23.11 11.35
CA GLU A 16 -11.70 -23.11 12.76
C GLU A 16 -10.95 -24.40 13.06
N GLU A 17 -11.26 -25.44 12.30
CA GLU A 17 -10.60 -26.73 12.49
C GLU A 17 -9.10 -26.60 12.21
N LEU A 18 -8.76 -25.97 11.10
CA LEU A 18 -7.36 -25.76 10.72
C LEU A 18 -6.63 -25.03 11.84
N LEU A 19 -7.27 -23.99 12.39
CA LEU A 19 -6.65 -23.22 13.46
C LEU A 19 -6.35 -24.05 14.69
N LEU A 20 -7.30 -24.90 15.10
CA LEU A 20 -7.11 -25.74 16.28
C LEU A 20 -5.99 -26.75 16.07
N LYS A 21 -5.88 -27.28 14.85
CA LYS A 21 -4.85 -28.25 14.53
C LYS A 21 -3.46 -27.61 14.65
N VAL A 22 -3.31 -26.43 14.08
CA VAL A 22 -2.04 -25.72 14.15
C VAL A 22 -1.81 -25.23 15.57
N GLY A 23 -2.88 -24.77 16.20
CA GLY A 23 -2.80 -24.28 17.57
C GLY A 23 -2.30 -25.34 18.53
N GLU A 24 -2.75 -26.58 18.33
CA GLU A 24 -2.32 -27.66 19.20
C GLU A 24 -0.80 -27.83 19.14
N GLU A 25 -0.25 -27.79 17.94
CA GLU A 25 1.19 -27.94 17.76
C GLU A 25 1.94 -26.75 18.34
N ILE A 26 1.43 -25.55 18.12
CA ILE A 26 2.09 -24.38 18.66
C ILE A 26 2.07 -24.41 20.19
N LYS A 27 0.99 -24.92 20.77
CA LYS A 27 0.89 -25.02 22.22
C LYS A 27 1.95 -26.02 22.72
N ARG A 28 2.09 -27.14 22.02
CA ARG A 28 3.07 -28.16 22.39
C ARG A 28 4.48 -27.55 22.38
N LEU A 29 4.79 -26.79 21.32
CA LEU A 29 6.09 -26.17 21.21
C LEU A 29 6.31 -25.11 22.28
N SER A 30 5.24 -24.40 22.66
CA SER A 30 5.35 -23.37 23.68
C SER A 30 5.72 -23.96 25.03
N GLU A 31 5.36 -25.23 25.24
CA GLU A 31 5.67 -25.91 26.49
C GLU A 31 7.13 -26.37 26.49
N LYS A 32 7.66 -26.65 25.30
CA LYS A 32 9.04 -27.09 25.17
C LYS A 32 9.98 -25.89 25.18
N PHE A 33 9.72 -24.93 24.30
CA PHE A 33 10.55 -23.72 24.21
C PHE A 33 9.99 -22.65 25.13
N LYS A 34 10.25 -22.81 26.42
CA LYS A 34 9.77 -21.87 27.41
C LYS A 34 10.45 -20.49 27.33
N GLU A 35 11.56 -20.41 26.61
CA GLU A 35 12.27 -19.13 26.47
C GLU A 35 11.69 -18.32 25.32
N VAL A 36 10.68 -18.87 24.66
CA VAL A 36 10.04 -18.20 23.52
C VAL A 36 8.61 -17.80 23.84
N GLU A 37 8.22 -16.61 23.38
CA GLU A 37 6.86 -16.14 23.57
C GLU A 37 6.17 -16.42 22.24
N PHE A 38 5.25 -17.38 22.22
CA PHE A 38 4.55 -17.71 20.99
C PHE A 38 3.30 -16.87 20.83
N VAL A 39 3.02 -16.47 19.59
CA VAL A 39 1.82 -15.68 19.29
C VAL A 39 1.21 -16.35 18.06
N PHE A 40 -0.03 -16.81 18.20
CA PHE A 40 -0.73 -17.48 17.11
C PHE A 40 -1.29 -16.47 16.11
N LYS A 41 -0.93 -16.64 14.84
CA LYS A 41 -1.37 -15.73 13.80
C LYS A 41 -2.19 -16.37 12.68
N SER A 42 -3.21 -15.65 12.23
CA SER A 42 -4.04 -16.07 11.11
C SER A 42 -4.95 -14.91 10.71
N SER A 43 -5.04 -14.67 9.41
CA SER A 43 -5.84 -13.57 8.86
C SER A 43 -7.30 -13.96 8.63
N PHE A 44 -8.22 -13.12 9.10
CA PHE A 44 -9.64 -13.39 8.91
C PHE A 44 -10.03 -12.96 7.50
N ASP A 45 -9.15 -12.19 6.86
CA ASP A 45 -9.38 -11.74 5.49
C ASP A 45 -8.12 -11.39 4.73
N LYS A 46 -8.00 -11.93 3.51
CA LYS A 46 -6.87 -11.60 2.67
C LYS A 46 -7.50 -10.53 1.78
N ALA A 47 -7.41 -9.28 2.24
CA ALA A 47 -8.02 -8.14 1.56
C ALA A 47 -7.23 -7.56 0.39
N ASN A 48 -6.04 -8.11 0.12
CA ASN A 48 -5.21 -7.59 -0.97
C ASN A 48 -4.74 -8.64 -1.98
N ARG A 49 -5.50 -9.73 -2.15
CA ARG A 49 -5.11 -10.76 -3.11
C ARG A 49 -4.91 -10.11 -4.47
N SER A 50 -4.09 -10.71 -5.32
CA SER A 50 -3.86 -10.17 -6.65
C SER A 50 -5.11 -10.38 -7.50
N SER A 51 -5.72 -11.55 -7.39
CA SER A 51 -6.90 -11.89 -8.17
C SER A 51 -8.22 -11.82 -7.42
N ILE A 52 -9.25 -11.34 -8.11
CA ILE A 52 -10.58 -11.24 -7.54
C ILE A 52 -11.12 -12.65 -7.31
N HIS A 53 -10.52 -13.62 -7.99
CA HIS A 53 -10.96 -15.02 -7.87
C HIS A 53 -10.33 -15.81 -6.73
N SER A 54 -9.33 -15.23 -6.06
CA SER A 54 -8.66 -15.94 -4.96
C SER A 54 -9.41 -15.90 -3.65
N PHE A 55 -9.13 -16.88 -2.79
CA PHE A 55 -9.76 -17.01 -1.48
C PHE A 55 -9.43 -15.77 -0.63
N ARG A 56 -10.43 -15.28 0.10
CA ARG A 56 -10.25 -14.13 0.97
C ARG A 56 -10.47 -14.49 2.43
N GLY A 57 -11.55 -15.23 2.71
CA GLY A 57 -11.82 -15.62 4.08
C GLY A 57 -13.30 -15.79 4.36
N HIS A 58 -13.64 -16.04 5.62
CA HIS A 58 -15.03 -16.24 6.00
C HIS A 58 -15.62 -15.09 6.80
N GLY A 59 -14.97 -13.94 6.74
CA GLY A 59 -15.48 -12.78 7.45
C GLY A 59 -14.84 -12.53 8.80
N LEU A 60 -14.90 -11.28 9.24
CA LEU A 60 -14.34 -10.87 10.52
C LEU A 60 -14.98 -11.58 11.71
N GLU A 61 -16.30 -11.65 11.73
CA GLU A 61 -17.02 -12.28 12.83
C GLU A 61 -16.57 -13.73 13.03
N TYR A 62 -16.58 -14.51 11.96
CA TYR A 62 -16.17 -15.90 12.02
C TYR A 62 -14.72 -16.01 12.46
N GLY A 63 -13.86 -15.18 11.86
CA GLY A 63 -12.44 -15.18 12.18
C GLY A 63 -12.11 -14.89 13.63
N VAL A 64 -12.75 -13.86 14.19
CA VAL A 64 -12.53 -13.48 15.57
C VAL A 64 -12.97 -14.61 16.48
N LYS A 65 -14.11 -15.21 16.16
CA LYS A 65 -14.64 -16.31 16.95
C LYS A 65 -13.65 -17.48 16.93
N ALA A 66 -13.11 -17.79 15.76
CA ALA A 66 -12.15 -18.89 15.63
C ALA A 66 -10.87 -18.60 16.42
N LEU A 67 -10.36 -17.37 16.29
CA LEU A 67 -9.15 -16.99 17.02
C LEU A 67 -9.42 -17.05 18.53
N ARG A 68 -10.63 -16.66 18.93
CA ARG A 68 -10.99 -16.68 20.34
C ARG A 68 -10.98 -18.11 20.86
N LYS A 69 -11.33 -19.05 19.99
CA LYS A 69 -11.35 -20.46 20.36
C LYS A 69 -9.92 -20.95 20.59
N VAL A 70 -9.01 -20.54 19.72
CA VAL A 70 -7.61 -20.93 19.85
C VAL A 70 -7.08 -20.42 21.19
N LYS A 71 -7.35 -19.16 21.51
CA LYS A 71 -6.89 -18.57 22.75
C LYS A 71 -7.50 -19.24 23.98
N GLU A 72 -8.79 -19.56 23.89
CA GLU A 72 -9.50 -20.19 24.98
C GLU A 72 -9.06 -21.62 25.23
N GLU A 73 -8.85 -22.38 24.15
CA GLU A 73 -8.45 -23.77 24.25
C GLU A 73 -6.98 -23.99 24.57
N PHE A 74 -6.12 -23.10 24.09
CA PHE A 74 -4.68 -23.26 24.29
C PHE A 74 -3.98 -22.20 25.13
N GLY A 75 -4.68 -21.11 25.46
CA GLY A 75 -4.06 -20.07 26.24
C GLY A 75 -2.92 -19.40 25.49
N LEU A 76 -3.06 -19.28 24.18
CA LEU A 76 -2.04 -18.67 23.34
C LEU A 76 -2.39 -17.23 23.00
N LYS A 77 -1.37 -16.37 22.92
CA LYS A 77 -1.59 -14.99 22.54
C LYS A 77 -2.02 -15.03 21.07
N ILE A 78 -2.74 -14.00 20.66
CA ILE A 78 -3.27 -13.94 19.30
C ILE A 78 -2.93 -12.65 18.56
N THR A 79 -2.73 -12.78 17.25
CA THR A 79 -2.47 -11.63 16.40
C THR A 79 -3.15 -11.87 15.05
N THR A 80 -3.68 -10.79 14.47
CA THR A 80 -4.30 -10.87 13.16
C THR A 80 -4.22 -9.45 12.59
N ASP A 81 -4.37 -9.32 11.28
CA ASP A 81 -4.26 -8.00 10.67
C ASP A 81 -5.58 -7.31 10.35
N ILE A 82 -5.56 -5.98 10.37
CA ILE A 82 -6.75 -5.19 10.04
C ILE A 82 -6.50 -4.47 8.74
N HIS A 83 -7.59 -4.12 8.05
CA HIS A 83 -7.47 -3.49 6.74
C HIS A 83 -8.12 -2.11 6.65
N GLU A 84 -9.07 -1.85 7.53
CA GLU A 84 -9.73 -0.55 7.59
C GLU A 84 -9.91 -0.20 9.06
N SER A 85 -9.92 1.10 9.35
CA SER A 85 -10.02 1.58 10.73
C SER A 85 -11.12 0.98 11.59
N TRP A 86 -12.29 0.76 11.02
CA TRP A 86 -13.40 0.22 11.80
C TRP A 86 -13.14 -1.17 12.38
N GLN A 87 -12.22 -1.92 11.80
CA GLN A 87 -11.93 -3.27 12.27
C GLN A 87 -11.08 -3.34 13.54
N ALA A 88 -10.38 -2.26 13.86
CA ALA A 88 -9.51 -2.24 15.04
C ALA A 88 -10.21 -2.58 16.35
N GLU A 89 -11.33 -1.94 16.63
CA GLU A 89 -12.07 -2.19 17.88
C GLU A 89 -12.51 -3.65 18.03
N PRO A 90 -13.26 -4.18 17.05
CA PRO A 90 -13.69 -5.58 17.17
C PRO A 90 -12.54 -6.59 17.24
N VAL A 91 -11.50 -6.35 16.46
CA VAL A 91 -10.35 -7.25 16.45
C VAL A 91 -9.60 -7.17 17.78
N ALA A 92 -9.54 -5.98 18.36
CA ALA A 92 -8.84 -5.78 19.62
C ALA A 92 -9.43 -6.62 20.76
N GLU A 93 -10.67 -7.06 20.60
CA GLU A 93 -11.29 -7.86 21.64
C GLU A 93 -10.59 -9.20 21.83
N VAL A 94 -9.91 -9.69 20.79
CA VAL A 94 -9.22 -10.97 20.88
C VAL A 94 -7.72 -10.89 20.61
N ALA A 95 -7.32 -9.99 19.73
CA ALA A 95 -5.91 -9.85 19.37
C ALA A 95 -5.04 -9.13 20.37
N ASP A 96 -3.96 -9.79 20.80
CA ASP A 96 -3.00 -9.23 21.74
C ASP A 96 -2.09 -8.30 20.95
N ILE A 97 -1.90 -8.62 19.68
CA ILE A 97 -1.08 -7.80 18.78
C ILE A 97 -1.88 -7.54 17.51
N ILE A 98 -2.07 -6.27 17.18
CA ILE A 98 -2.80 -5.93 15.96
C ILE A 98 -1.75 -5.73 14.87
N GLN A 99 -1.91 -6.45 13.77
CA GLN A 99 -0.96 -6.37 12.66
C GLN A 99 -1.42 -5.40 11.56
N ILE A 100 -0.48 -4.60 11.08
CA ILE A 100 -0.76 -3.64 10.02
C ILE A 100 -0.10 -4.14 8.73
N PRO A 101 -0.91 -4.41 7.68
CA PRO A 101 -0.40 -4.90 6.40
C PRO A 101 0.67 -4.00 5.79
N ALA A 102 1.63 -4.62 5.10
CA ALA A 102 2.73 -3.89 4.46
C ALA A 102 2.29 -2.75 3.54
N PHE A 103 1.29 -3.01 2.71
CA PHE A 103 0.80 -1.97 1.79
C PHE A 103 0.17 -0.80 2.54
N LEU A 104 -0.32 -1.06 3.75
CA LEU A 104 -1.01 -0.04 4.54
C LEU A 104 -0.16 0.59 5.66
N CYS A 105 1.15 0.39 5.63
CA CYS A 105 2.01 0.91 6.69
C CYS A 105 2.09 2.43 6.80
N ARG A 106 1.55 3.12 5.79
CA ARG A 106 1.55 4.58 5.80
C ARG A 106 0.16 5.18 6.02
N GLN A 107 -0.86 4.33 6.13
CA GLN A 107 -2.23 4.81 6.33
C GLN A 107 -2.42 5.28 7.77
N THR A 108 -2.30 6.58 7.97
CA THR A 108 -2.41 7.19 9.29
C THR A 108 -3.60 6.77 10.16
N ASP A 109 -4.81 6.79 9.60
CA ASP A 109 -5.99 6.42 10.38
C ASP A 109 -6.00 4.97 10.84
N LEU A 110 -5.44 4.08 10.04
CA LEU A 110 -5.41 2.66 10.40
C LEU A 110 -4.46 2.47 11.58
N LEU A 111 -3.29 3.10 11.50
CA LEU A 111 -2.29 3.01 12.58
C LEU A 111 -2.87 3.58 13.87
N LEU A 112 -3.51 4.74 13.76
CA LEU A 112 -4.11 5.40 14.91
C LEU A 112 -5.25 4.54 15.50
N ALA A 113 -6.04 3.92 14.63
CA ALA A 113 -7.13 3.07 15.10
C ALA A 113 -6.58 1.91 15.94
N ALA A 114 -5.49 1.30 15.47
CA ALA A 114 -4.89 0.20 16.19
C ALA A 114 -4.27 0.67 17.51
N ALA A 115 -3.56 1.79 17.45
CA ALA A 115 -2.89 2.34 18.62
C ALA A 115 -3.79 2.66 19.81
N LYS A 116 -4.98 3.20 19.55
CA LYS A 116 -5.88 3.58 20.64
C LYS A 116 -6.59 2.42 21.34
N THR A 117 -6.45 1.20 20.80
CA THR A 117 -7.08 0.03 21.41
C THR A 117 -6.35 -0.40 22.68
N GLY A 118 -5.10 0.01 22.81
CA GLY A 118 -4.31 -0.38 23.98
C GLY A 118 -3.52 -1.66 23.73
N ARG A 119 -3.75 -2.28 22.58
CA ARG A 119 -3.05 -3.51 22.21
C ARG A 119 -1.70 -3.21 21.59
N ALA A 120 -0.86 -4.24 21.49
CA ALA A 120 0.45 -4.06 20.87
C ALA A 120 0.17 -3.95 19.38
N VAL A 121 1.06 -3.28 18.65
CA VAL A 121 0.88 -3.13 17.21
C VAL A 121 2.14 -3.53 16.46
N ASN A 122 1.96 -4.38 15.45
CA ASN A 122 3.08 -4.84 14.63
C ASN A 122 2.85 -4.40 13.20
N VAL A 123 3.74 -3.54 12.71
CA VAL A 123 3.63 -3.03 11.35
C VAL A 123 4.59 -3.73 10.39
N LYS A 124 4.03 -4.29 9.32
CA LYS A 124 4.85 -4.92 8.30
C LYS A 124 5.45 -3.77 7.50
N LYS A 125 6.77 -3.75 7.35
CA LYS A 125 7.42 -2.68 6.59
C LYS A 125 7.09 -2.79 5.12
N GLY A 126 6.53 -1.73 4.56
CA GLY A 126 6.17 -1.75 3.15
C GLY A 126 7.33 -2.07 2.24
N GLN A 127 7.04 -2.78 1.15
CA GLN A 127 8.04 -3.15 0.15
C GLN A 127 8.66 -1.93 -0.52
N PHE A 128 8.01 -0.79 -0.35
CA PHE A 128 8.44 0.48 -0.94
C PHE A 128 9.17 1.38 0.06
N LEU A 129 9.17 0.97 1.33
CA LEU A 129 9.76 1.77 2.38
C LEU A 129 11.23 1.51 2.70
N ALA A 130 11.98 2.58 2.91
CA ALA A 130 13.39 2.45 3.30
C ALA A 130 13.40 2.24 4.82
N PRO A 131 14.40 1.53 5.34
CA PRO A 131 14.51 1.24 6.77
C PRO A 131 14.40 2.46 7.67
N TRP A 132 15.11 3.53 7.32
CA TRP A 132 15.09 4.74 8.13
C TRP A 132 13.74 5.45 8.12
N ASP A 133 12.91 5.17 7.12
CA ASP A 133 11.61 5.82 7.08
C ASP A 133 10.56 5.18 7.99
N THR A 134 10.95 4.14 8.74
CA THR A 134 10.02 3.51 9.67
C THR A 134 9.99 4.31 10.97
N LYS A 135 10.94 5.23 11.13
CA LYS A 135 10.98 6.06 12.33
C LYS A 135 9.66 6.83 12.45
N ASN A 136 9.19 7.40 11.34
CA ASN A 136 7.93 8.14 11.38
C ASN A 136 6.73 7.22 11.60
N VAL A 137 6.83 5.97 11.18
CA VAL A 137 5.74 5.03 11.39
C VAL A 137 5.59 4.81 12.89
N VAL A 138 6.71 4.62 13.57
CA VAL A 138 6.71 4.41 15.01
C VAL A 138 6.21 5.68 15.70
N GLU A 139 6.63 6.84 15.21
CA GLU A 139 6.20 8.10 15.79
C GLU A 139 4.68 8.22 15.76
N LYS A 140 4.07 7.86 14.62
CA LYS A 140 2.61 7.93 14.50
C LYS A 140 1.96 7.03 15.56
N LEU A 141 2.48 5.82 15.71
CA LEU A 141 1.93 4.89 16.68
C LEU A 141 2.04 5.39 18.11
N LYS A 142 3.22 5.91 18.47
CA LYS A 142 3.41 6.43 19.82
C LYS A 142 2.47 7.60 20.06
N PHE A 143 2.31 8.42 19.03
CA PHE A 143 1.42 9.58 19.08
C PHE A 143 -0.01 9.09 19.36
N GLY A 144 -0.36 7.96 18.76
CA GLY A 144 -1.68 7.39 18.94
C GLY A 144 -1.88 6.56 20.20
N GLY A 145 -0.87 6.50 21.06
CA GLY A 145 -0.99 5.75 22.30
C GLY A 145 -0.41 4.34 22.37
N ALA A 146 0.22 3.88 21.30
CA ALA A 146 0.80 2.53 21.31
C ALA A 146 2.03 2.49 22.21
N LYS A 147 2.06 1.52 23.11
CA LYS A 147 3.18 1.37 24.03
C LYS A 147 4.08 0.17 23.72
N GLU A 148 3.58 -0.76 22.92
CA GLU A 148 4.36 -1.93 22.52
C GLU A 148 4.28 -1.98 21.00
N ILE A 149 5.40 -1.65 20.36
CA ILE A 149 5.45 -1.58 18.90
C ILE A 149 6.50 -2.48 18.26
N TYR A 150 6.12 -3.15 17.18
CA TYR A 150 7.03 -4.00 16.43
C TYR A 150 7.07 -3.57 14.98
N LEU A 151 8.22 -3.74 14.35
CA LEU A 151 8.38 -3.45 12.92
C LEU A 151 8.81 -4.79 12.33
N THR A 152 8.13 -5.22 11.27
CA THR A 152 8.46 -6.48 10.63
C THR A 152 9.10 -6.36 9.26
N GLU A 153 10.29 -6.93 9.14
CA GLU A 153 11.02 -6.94 7.87
C GLU A 153 10.40 -8.05 7.01
N ARG A 154 9.92 -7.70 5.81
CA ARG A 154 9.35 -8.71 4.93
C ARG A 154 9.79 -8.55 3.48
N GLY A 155 10.97 -7.96 3.28
CA GLY A 155 11.49 -7.80 1.94
C GLY A 155 11.21 -6.45 1.31
N THR A 156 12.00 -6.12 0.28
CA THR A 156 11.87 -4.85 -0.42
C THR A 156 11.81 -5.10 -1.92
N THR A 157 11.03 -4.28 -2.62
CA THR A 157 10.90 -4.39 -4.07
C THR A 157 12.28 -4.37 -4.73
N PHE A 158 12.56 -5.38 -5.54
CA PHE A 158 13.85 -5.51 -6.21
C PHE A 158 13.54 -5.90 -7.66
N GLY A 159 13.34 -4.91 -8.52
CA GLY A 159 12.97 -5.20 -9.88
C GLY A 159 11.52 -5.66 -9.83
N TYR A 160 11.05 -6.33 -10.88
CA TYR A 160 9.67 -6.80 -10.91
C TYR A 160 9.51 -8.21 -10.39
N ASN A 161 8.42 -8.45 -9.68
CA ASN A 161 8.08 -9.76 -9.14
C ASN A 161 9.21 -10.42 -8.34
N ASN A 162 9.90 -9.63 -7.54
CA ASN A 162 10.97 -10.16 -6.73
C ASN A 162 11.20 -9.25 -5.54
N LEU A 163 11.59 -9.86 -4.42
CA LEU A 163 11.85 -9.12 -3.20
C LEU A 163 13.23 -9.51 -2.71
N VAL A 164 13.94 -8.56 -2.12
CA VAL A 164 15.25 -8.84 -1.58
C VAL A 164 15.20 -8.43 -0.11
N VAL A 165 15.94 -9.13 0.73
CA VAL A 165 15.99 -8.76 2.14
C VAL A 165 17.31 -8.05 2.38
N ASP A 166 17.23 -6.76 2.72
CA ASP A 166 18.41 -5.98 3.02
C ASP A 166 18.57 -6.12 4.53
N PHE A 167 19.43 -7.03 4.98
CA PHE A 167 19.58 -7.24 6.41
C PHE A 167 20.09 -6.04 7.22
N ARG A 168 20.52 -4.99 6.54
CA ARG A 168 20.96 -3.80 7.25
C ARG A 168 19.73 -3.19 7.93
N SER A 169 18.54 -3.53 7.44
CA SER A 169 17.32 -3.00 8.02
C SER A 169 17.10 -3.40 9.48
N LEU A 170 17.61 -4.58 9.86
CA LEU A 170 17.43 -5.03 11.23
C LEU A 170 18.03 -4.09 12.28
N PRO A 171 19.33 -3.77 12.17
CA PRO A 171 19.91 -2.87 13.18
C PRO A 171 19.39 -1.43 13.05
N ILE A 172 19.00 -1.03 11.83
CA ILE A 172 18.50 0.32 11.63
C ILE A 172 17.15 0.49 12.34
N MET A 173 16.20 -0.41 12.07
CA MET A 173 14.88 -0.33 12.67
C MET A 173 14.90 -0.56 14.19
N LYS A 174 15.86 -1.34 14.64
CA LYS A 174 15.99 -1.63 16.07
C LYS A 174 16.18 -0.34 16.87
N GLN A 175 16.60 0.73 16.21
CA GLN A 175 16.81 2.00 16.88
C GLN A 175 15.53 2.55 17.50
N TRP A 176 14.39 2.22 16.91
CA TRP A 176 13.13 2.75 17.41
C TRP A 176 12.00 1.77 17.72
N ALA A 177 12.23 0.48 17.50
CA ALA A 177 11.20 -0.52 17.81
C ALA A 177 11.76 -1.92 17.80
N LYS A 178 11.02 -2.86 18.38
CA LYS A 178 11.45 -4.25 18.38
C LYS A 178 11.29 -4.71 16.93
N VAL A 179 12.19 -5.56 16.47
CA VAL A 179 12.15 -5.99 15.09
C VAL A 179 11.84 -7.47 14.88
N ILE A 180 10.90 -7.73 13.99
CA ILE A 180 10.50 -9.10 13.67
C ILE A 180 10.87 -9.41 12.22
N TYR A 181 11.37 -10.63 11.98
CA TYR A 181 11.72 -11.01 10.62
C TYR A 181 10.66 -11.99 10.10
N ASP A 182 10.04 -11.62 8.99
CA ASP A 182 9.01 -12.43 8.35
C ASP A 182 9.74 -13.40 7.43
N ALA A 183 9.87 -14.64 7.87
CA ALA A 183 10.60 -15.65 7.11
C ALA A 183 9.91 -16.19 5.87
N THR A 184 8.59 -16.14 5.83
CA THR A 184 7.89 -16.69 4.68
C THR A 184 7.53 -15.68 3.59
N HIS A 185 7.15 -14.46 3.97
CA HIS A 185 6.80 -13.47 2.95
C HIS A 185 8.02 -12.87 2.24
N SER A 186 9.17 -12.91 2.90
CA SER A 186 10.39 -12.34 2.31
C SER A 186 10.93 -13.14 1.12
N VAL A 187 10.45 -14.36 0.94
CA VAL A 187 10.90 -15.18 -0.17
C VAL A 187 9.82 -15.35 -1.24
N GLN A 188 8.70 -14.68 -1.04
CA GLN A 188 7.60 -14.77 -2.01
C GLN A 188 7.94 -13.95 -3.26
N LEU A 189 7.44 -14.41 -4.41
CA LEU A 189 7.66 -13.70 -5.65
C LEU A 189 6.31 -13.04 -6.00
N PRO A 190 6.16 -11.75 -5.65
CA PRO A 190 4.94 -10.98 -5.90
C PRO A 190 4.40 -11.12 -7.33
N GLY A 191 3.14 -11.52 -7.44
CA GLY A 191 2.51 -11.68 -8.74
C GLY A 191 3.26 -12.65 -9.66
N GLY A 192 4.16 -13.43 -9.08
CA GLY A 192 4.94 -14.38 -9.85
C GLY A 192 4.13 -15.38 -10.65
N LEU A 193 3.20 -16.06 -9.98
CA LEU A 193 2.37 -17.05 -10.65
C LEU A 193 1.18 -16.39 -11.36
N GLY A 199 6.94 -18.03 -4.97
CA GLY A 199 7.90 -18.00 -3.89
C GLY A 199 8.86 -19.18 -3.94
N MET A 200 9.98 -19.06 -3.25
CA MET A 200 10.98 -20.12 -3.23
C MET A 200 11.23 -20.61 -1.80
N ARG A 201 10.52 -21.68 -1.44
CA ARG A 201 10.60 -22.28 -0.11
C ARG A 201 12.01 -22.70 0.29
N GLU A 202 12.86 -22.98 -0.69
CA GLU A 202 14.23 -23.40 -0.41
C GLU A 202 15.05 -22.31 0.27
N PHE A 203 14.58 -21.06 0.21
CA PHE A 203 15.32 -19.97 0.84
C PHE A 203 14.79 -19.54 2.20
N ILE A 204 13.68 -20.12 2.63
CA ILE A 204 13.12 -19.75 3.93
C ILE A 204 14.10 -19.99 5.08
N PHE A 205 14.62 -21.21 5.17
CA PHE A 205 15.54 -21.56 6.25
C PHE A 205 16.85 -20.77 6.24
N PRO A 206 17.55 -20.72 5.10
CA PRO A 206 18.80 -19.95 5.11
C PRO A 206 18.65 -18.48 5.51
N LEU A 207 17.60 -17.83 5.02
CA LEU A 207 17.41 -16.42 5.37
C LEU A 207 16.99 -16.21 6.82
N ILE A 208 16.28 -17.16 7.40
CA ILE A 208 15.88 -17.01 8.79
C ILE A 208 17.14 -17.20 9.66
N ARG A 209 18.07 -18.04 9.20
CA ARG A 209 19.32 -18.22 9.95
C ARG A 209 20.08 -16.90 9.92
N ALA A 210 20.07 -16.22 8.77
CA ALA A 210 20.75 -14.93 8.65
C ALA A 210 20.13 -13.92 9.61
N ALA A 211 18.80 -13.90 9.68
CA ALA A 211 18.11 -12.96 10.54
C ALA A 211 18.53 -13.05 12.00
N VAL A 212 18.60 -14.26 12.55
CA VAL A 212 18.99 -14.40 13.94
C VAL A 212 20.49 -14.20 14.16
N ALA A 213 21.28 -14.39 13.12
CA ALA A 213 22.73 -14.18 13.26
C ALA A 213 22.96 -12.67 13.34
N VAL A 214 22.21 -11.92 12.53
CA VAL A 214 22.31 -10.46 12.52
C VAL A 214 21.75 -9.96 13.86
N GLY A 215 20.58 -10.48 14.22
CA GLY A 215 19.96 -10.11 15.47
C GLY A 215 18.60 -9.44 15.30
N CYS A 216 17.56 -10.09 15.82
CA CYS A 216 16.21 -9.55 15.77
C CYS A 216 15.49 -9.94 17.06
N ASP A 217 14.29 -9.41 17.27
CA ASP A 217 13.56 -9.70 18.50
C ASP A 217 12.53 -10.81 18.34
N GLY A 218 12.40 -11.31 17.12
CA GLY A 218 11.45 -12.38 16.87
C GLY A 218 11.34 -12.72 15.41
N VAL A 219 10.60 -13.78 15.12
CA VAL A 219 10.41 -14.21 13.75
C VAL A 219 8.93 -14.48 13.51
N PHE A 220 8.54 -14.33 12.26
CA PHE A 220 7.16 -14.53 11.83
C PHE A 220 7.21 -15.61 10.75
N MET A 221 6.41 -16.66 10.93
CA MET A 221 6.38 -17.75 9.98
C MET A 221 4.97 -18.28 9.73
N GLU A 222 4.59 -18.39 8.47
CA GLU A 222 3.28 -18.94 8.17
C GLU A 222 3.51 -20.45 8.13
N THR A 223 2.63 -21.22 8.74
CA THR A 223 2.77 -22.66 8.76
C THR A 223 1.40 -23.31 8.56
N HIS A 224 1.39 -24.43 7.84
CA HIS A 224 0.15 -25.13 7.51
C HIS A 224 0.42 -26.63 7.47
N PRO A 225 -0.53 -27.45 7.91
CA PRO A 225 -0.35 -28.90 7.90
C PRO A 225 0.06 -29.43 6.52
N GLU A 226 -0.59 -28.90 5.48
CA GLU A 226 -0.30 -29.29 4.10
C GLU A 226 -0.31 -28.07 3.20
N PRO A 227 0.80 -27.31 3.17
CA PRO A 227 0.94 -26.10 2.36
C PRO A 227 0.40 -26.19 0.93
N GLU A 228 0.67 -27.31 0.27
CA GLU A 228 0.22 -27.51 -1.11
C GLU A 228 -1.30 -27.39 -1.24
N LYS A 229 -2.01 -27.61 -0.14
CA LYS A 229 -3.46 -27.53 -0.14
C LYS A 229 -3.97 -26.20 0.42
N ALA A 230 -3.05 -25.31 0.81
CA ALA A 230 -3.44 -24.03 1.36
C ALA A 230 -4.18 -23.18 0.34
N LEU A 231 -5.07 -22.32 0.81
CA LEU A 231 -5.86 -21.47 -0.06
C LEU A 231 -5.18 -20.13 -0.31
N SER A 232 -4.02 -19.94 0.30
CA SER A 232 -3.23 -18.73 0.15
C SER A 232 -1.78 -19.05 0.53
N ASP A 233 -0.83 -18.49 -0.22
CA ASP A 233 0.58 -18.71 0.05
C ASP A 233 0.92 -20.20 0.09
N ALA A 234 0.35 -20.97 -0.82
CA ALA A 234 0.58 -22.40 -0.89
C ALA A 234 2.03 -22.73 -1.20
N SER A 235 2.72 -21.81 -1.87
CA SER A 235 4.12 -22.02 -2.24
C SER A 235 5.13 -21.61 -1.19
N THR A 236 4.70 -20.88 -0.16
CA THR A 236 5.63 -20.43 0.86
C THR A 236 5.35 -20.85 2.30
N GLN A 237 4.13 -21.26 2.61
CA GLN A 237 3.83 -21.68 3.98
C GLN A 237 4.65 -22.90 4.35
N LEU A 238 5.23 -22.87 5.54
CA LEU A 238 6.07 -23.96 6.04
C LEU A 238 5.26 -25.16 6.54
N PRO A 239 5.65 -26.38 6.13
CA PRO A 239 4.90 -27.54 6.61
C PRO A 239 4.97 -27.51 8.13
N LEU A 240 3.83 -27.72 8.79
CA LEU A 240 3.77 -27.70 10.24
C LEU A 240 4.79 -28.62 10.93
N SER A 241 5.04 -29.78 10.35
CA SER A 241 5.97 -30.74 10.94
C SER A 241 7.41 -30.22 10.97
N GLN A 242 7.69 -29.21 10.17
CA GLN A 242 9.03 -28.63 10.11
C GLN A 242 9.25 -27.48 11.09
N LEU A 243 8.17 -26.99 11.70
CA LEU A 243 8.26 -25.86 12.63
C LEU A 243 9.23 -26.07 13.80
N GLU A 244 9.06 -27.17 14.53
CA GLU A 244 9.92 -27.43 15.69
C GLU A 244 11.41 -27.37 15.39
N GLY A 245 11.83 -28.03 14.31
CA GLY A 245 13.24 -28.05 13.94
C GLY A 245 13.77 -26.68 13.57
N ILE A 246 12.97 -25.88 12.87
CA ILE A 246 13.39 -24.55 12.49
C ILE A 246 13.57 -23.67 13.72
N ILE A 247 12.63 -23.76 14.66
CA ILE A 247 12.70 -22.98 15.89
C ILE A 247 13.93 -23.39 16.70
N GLU A 248 14.18 -24.69 16.82
CA GLU A 248 15.36 -25.13 17.57
C GLU A 248 16.61 -24.53 16.93
N ALA A 249 16.71 -24.62 15.61
CA ALA A 249 17.87 -24.09 14.92
C ALA A 249 18.08 -22.59 15.14
N ILE A 250 17.02 -21.80 15.03
CA ILE A 250 17.23 -20.37 15.22
C ILE A 250 17.55 -19.99 16.65
N LEU A 251 17.06 -20.76 17.62
CA LEU A 251 17.37 -20.48 19.02
C LEU A 251 18.85 -20.79 19.25
N GLU A 252 19.34 -21.86 18.62
CA GLU A 252 20.76 -22.23 18.76
C GLU A 252 21.66 -21.17 18.12
N ILE A 253 21.30 -20.71 16.93
CA ILE A 253 22.10 -19.71 16.24
C ILE A 253 22.03 -18.37 16.99
N ARG A 254 20.85 -18.04 17.48
CA ARG A 254 20.65 -16.81 18.25
C ARG A 254 21.58 -16.82 19.46
N GLU A 255 21.57 -17.93 20.19
CA GLU A 255 22.40 -18.05 21.38
C GLU A 255 23.87 -17.80 21.12
N VAL A 256 24.45 -18.51 20.16
CA VAL A 256 25.87 -18.36 19.86
C VAL A 256 26.24 -16.99 19.28
N ALA A 257 25.31 -16.37 18.56
CA ALA A 257 25.59 -15.05 17.98
C ALA A 257 25.30 -13.90 18.94
N SER A 258 24.39 -14.12 19.89
CA SER A 258 23.95 -13.09 20.83
C SER A 258 25.02 -12.24 21.51
N LYS A 259 26.15 -12.82 21.87
CA LYS A 259 27.18 -12.02 22.53
C LYS A 259 27.74 -10.94 21.61
N TYR A 260 27.53 -11.10 20.31
CA TYR A 260 28.04 -10.13 19.33
C TYR A 260 27.03 -9.10 18.85
N TYR A 261 25.79 -9.21 19.31
CA TYR A 261 24.75 -8.26 18.91
C TYR A 261 25.19 -6.87 19.38
N GLU A 262 25.19 -5.91 18.47
CA GLU A 262 25.60 -4.54 18.79
C GLU A 262 24.55 -3.79 19.61
N THR A 263 25.01 -2.91 20.49
CA THR A 263 24.12 -2.11 21.32
C THR A 263 23.61 -0.91 20.54
N ILE A 264 22.30 -0.75 20.47
CA ILE A 264 21.71 0.38 19.76
C ILE A 264 21.80 1.67 20.59
N LYS B 3 -11.10 11.72 -26.35
CA LYS B 3 -10.09 12.82 -26.43
C LYS B 3 -9.03 12.70 -25.32
N PHE B 4 -7.89 13.32 -25.56
CA PHE B 4 -6.78 13.31 -24.61
C PHE B 4 -7.22 13.91 -23.29
N LEU B 5 -6.82 13.25 -22.20
CA LEU B 5 -7.20 13.70 -20.87
C LEU B 5 -6.09 14.44 -20.15
N VAL B 6 -6.47 15.52 -19.47
CA VAL B 6 -5.54 16.30 -18.68
C VAL B 6 -6.19 16.45 -17.31
N ILE B 7 -5.63 15.75 -16.33
CA ILE B 7 -6.12 15.80 -14.96
C ILE B 7 -5.18 16.73 -14.23
N ALA B 8 -5.71 17.85 -13.73
CA ALA B 8 -4.86 18.82 -13.05
C ALA B 8 -5.56 19.56 -11.92
N GLY B 9 -4.75 20.11 -11.02
CA GLY B 9 -5.27 20.84 -9.89
C GLY B 9 -4.28 20.80 -8.75
N PRO B 10 -4.55 21.50 -7.63
CA PRO B 10 -3.65 21.51 -6.49
C PRO B 10 -3.67 20.16 -5.78
N CYS B 11 -2.53 19.73 -5.27
CA CYS B 11 -2.43 18.44 -4.59
C CYS B 11 -3.51 18.24 -3.53
N ALA B 12 -3.59 19.18 -2.60
CA ALA B 12 -4.59 19.11 -1.53
C ALA B 12 -5.54 20.30 -1.50
N ILE B 13 -6.75 20.08 -1.01
CA ILE B 13 -7.73 21.13 -0.90
C ILE B 13 -7.39 21.96 0.32
N GLU B 14 -6.42 22.86 0.15
CA GLU B 14 -5.97 23.71 1.24
C GLU B 14 -7.06 24.71 1.62
N SER B 15 -7.97 24.94 0.68
CA SER B 15 -9.10 25.85 0.87
C SER B 15 -9.90 25.89 -0.42
N GLU B 16 -11.22 26.10 -0.32
CA GLU B 16 -12.04 26.16 -1.52
C GLU B 16 -11.60 27.33 -2.37
N GLU B 17 -11.05 28.35 -1.72
CA GLU B 17 -10.58 29.54 -2.42
C GLU B 17 -9.47 29.14 -3.39
N LEU B 18 -8.56 28.30 -2.91
CA LEU B 18 -7.45 27.84 -3.73
C LEU B 18 -7.97 27.06 -4.93
N LEU B 19 -8.96 26.21 -4.71
CA LEU B 19 -9.54 25.41 -5.78
C LEU B 19 -10.19 26.30 -6.84
N LEU B 20 -10.80 27.39 -6.39
CA LEU B 20 -11.46 28.33 -7.30
C LEU B 20 -10.45 29.05 -8.17
N LYS B 21 -9.36 29.49 -7.57
CA LYS B 21 -8.32 30.19 -8.31
C LYS B 21 -7.73 29.27 -9.38
N VAL B 22 -7.41 28.03 -8.99
CA VAL B 22 -6.86 27.07 -9.92
C VAL B 22 -7.94 26.64 -10.90
N GLY B 23 -9.17 26.52 -10.41
CA GLY B 23 -10.27 26.13 -11.27
C GLY B 23 -10.52 27.13 -12.38
N GLU B 24 -10.27 28.41 -12.09
CA GLU B 24 -10.46 29.46 -13.08
C GLU B 24 -9.48 29.32 -14.24
N GLU B 25 -8.24 28.96 -13.92
CA GLU B 25 -7.21 28.79 -14.93
C GLU B 25 -7.48 27.52 -15.75
N ILE B 26 -7.86 26.44 -15.08
CA ILE B 26 -8.14 25.20 -15.77
C ILE B 26 -9.36 25.39 -16.67
N LYS B 27 -10.29 26.23 -16.23
CA LYS B 27 -11.48 26.50 -17.04
C LYS B 27 -11.05 27.24 -18.30
N ARG B 28 -10.15 28.20 -18.14
CA ARG B 28 -9.64 28.98 -19.26
C ARG B 28 -8.96 28.07 -20.29
N LEU B 29 -8.05 27.23 -19.82
CA LEU B 29 -7.35 26.31 -20.72
C LEU B 29 -8.36 25.38 -21.36
N SER B 30 -9.39 25.03 -20.60
CA SER B 30 -10.45 24.14 -21.08
C SER B 30 -11.12 24.75 -22.31
N GLU B 31 -11.26 26.06 -22.31
CA GLU B 31 -11.89 26.76 -23.42
C GLU B 31 -10.91 26.96 -24.58
N LYS B 32 -9.62 26.98 -24.24
CA LYS B 32 -8.59 27.16 -25.25
C LYS B 32 -8.28 25.85 -25.99
N PHE B 33 -8.23 24.75 -25.26
CA PHE B 33 -7.96 23.45 -25.84
C PHE B 33 -9.21 22.58 -25.80
N LYS B 34 -10.12 22.84 -26.73
CA LYS B 34 -11.39 22.12 -26.82
C LYS B 34 -11.26 20.64 -27.14
N GLU B 35 -10.12 20.24 -27.70
CA GLU B 35 -9.91 18.84 -28.04
C GLU B 35 -9.47 18.02 -26.84
N VAL B 36 -9.19 18.71 -25.73
CA VAL B 36 -8.75 18.05 -24.51
C VAL B 36 -9.86 17.99 -23.47
N GLU B 37 -9.95 16.85 -22.78
CA GLU B 37 -10.95 16.69 -21.73
C GLU B 37 -10.23 17.00 -20.43
N PHE B 38 -10.58 18.12 -19.79
CA PHE B 38 -9.95 18.50 -18.54
C PHE B 38 -10.73 17.94 -17.35
N VAL B 39 -10.01 17.53 -16.32
CA VAL B 39 -10.61 16.99 -15.11
C VAL B 39 -9.89 17.66 -13.96
N PHE B 40 -10.65 18.35 -13.11
CA PHE B 40 -10.08 19.05 -11.96
C PHE B 40 -9.82 18.06 -10.82
N LYS B 41 -8.60 18.08 -10.28
CA LYS B 41 -8.23 17.18 -9.19
C LYS B 41 -7.69 17.86 -7.95
N SER B 42 -8.05 17.31 -6.79
CA SER B 42 -7.58 17.78 -5.50
C SER B 42 -8.01 16.79 -4.44
N SER B 43 -7.14 16.51 -3.48
CA SER B 43 -7.42 15.55 -2.42
C SER B 43 -8.02 16.21 -1.17
N PHE B 44 -9.09 15.62 -0.64
CA PHE B 44 -9.71 16.16 0.56
C PHE B 44 -8.94 15.70 1.81
N ASP B 45 -8.08 14.71 1.64
CA ASP B 45 -7.28 14.21 2.75
C ASP B 45 -6.02 13.51 2.27
N LYS B 46 -4.89 13.88 2.85
CA LYS B 46 -3.63 13.23 2.51
C LYS B 46 -3.52 12.23 3.67
N ALA B 47 -4.11 11.06 3.43
CA ALA B 47 -4.17 9.99 4.41
C ALA B 47 -2.91 9.16 4.61
N ASN B 48 -1.89 9.39 3.78
CA ASN B 48 -0.65 8.61 3.88
C ASN B 48 0.63 9.42 4.07
N ARG B 49 0.54 10.58 4.71
CA ARG B 49 1.73 11.40 4.93
C ARG B 49 2.77 10.62 5.75
N SER B 50 4.04 10.91 5.54
CA SER B 50 5.08 10.23 6.29
C SER B 50 5.03 10.63 7.76
N SER B 51 4.87 11.92 8.01
CA SER B 51 4.81 12.42 9.39
C SER B 51 3.42 12.68 9.93
N ILE B 52 3.23 12.36 11.20
CA ILE B 52 1.95 12.57 11.88
C ILE B 52 1.66 14.07 12.01
N HIS B 53 2.72 14.87 11.91
CA HIS B 53 2.58 16.33 12.04
C HIS B 53 2.35 17.08 10.73
N SER B 54 2.30 16.35 9.61
CA SER B 54 2.08 16.98 8.31
C SER B 54 0.62 17.26 8.00
N PHE B 55 0.39 18.14 7.04
CA PHE B 55 -0.95 18.54 6.63
C PHE B 55 -1.74 17.41 5.97
N ARG B 56 -2.95 17.21 6.45
CA ARG B 56 -3.81 16.17 5.90
C ARG B 56 -4.97 16.78 5.11
N GLY B 57 -5.57 17.83 5.68
CA GLY B 57 -6.69 18.47 5.00
C GLY B 57 -7.79 18.92 5.94
N HIS B 58 -8.93 19.32 5.37
CA HIS B 58 -10.05 19.80 6.16
C HIS B 58 -11.22 18.83 6.23
N GLY B 59 -10.97 17.56 5.94
CA GLY B 59 -12.02 16.57 6.00
C GLY B 59 -12.78 16.35 4.70
N LEU B 60 -13.52 15.25 4.64
CA LEU B 60 -14.28 14.88 3.48
C LEU B 60 -15.45 15.82 3.14
N GLU B 61 -16.22 16.22 4.15
CA GLU B 61 -17.35 17.11 3.90
C GLU B 61 -16.94 18.45 3.32
N TYR B 62 -15.95 19.08 3.93
CA TYR B 62 -15.45 20.37 3.46
C TYR B 62 -14.89 20.21 2.05
N GLY B 63 -14.21 19.10 1.81
CA GLY B 63 -13.62 18.83 0.51
C GLY B 63 -14.63 18.65 -0.60
N VAL B 64 -15.62 17.78 -0.38
CA VAL B 64 -16.65 17.53 -1.38
C VAL B 64 -17.41 18.82 -1.66
N LYS B 65 -17.54 19.65 -0.63
CA LYS B 65 -18.24 20.93 -0.75
C LYS B 65 -17.49 21.84 -1.71
N ALA B 66 -16.18 21.99 -1.48
CA ALA B 66 -15.35 22.84 -2.33
C ALA B 66 -15.30 22.31 -3.76
N LEU B 67 -15.23 21.00 -3.91
CA LEU B 67 -15.19 20.39 -5.24
C LEU B 67 -16.52 20.61 -5.96
N ARG B 68 -17.61 20.61 -5.19
CA ARG B 68 -18.93 20.82 -5.75
C ARG B 68 -18.95 22.24 -6.31
N LYS B 69 -18.33 23.16 -5.58
CA LYS B 69 -18.26 24.56 -5.97
C LYS B 69 -17.51 24.75 -7.29
N VAL B 70 -16.44 23.98 -7.49
CA VAL B 70 -15.66 24.07 -8.71
C VAL B 70 -16.50 23.60 -9.90
N LYS B 71 -17.15 22.45 -9.74
CA LYS B 71 -17.97 21.91 -10.81
C LYS B 71 -19.14 22.82 -11.17
N GLU B 72 -19.80 23.37 -10.16
CA GLU B 72 -20.95 24.24 -10.36
C GLU B 72 -20.56 25.59 -10.96
N GLU B 73 -19.45 26.14 -10.48
CA GLU B 73 -18.98 27.45 -10.94
C GLU B 73 -18.22 27.42 -12.27
N PHE B 74 -17.66 26.29 -12.64
CA PHE B 74 -16.90 26.20 -13.88
C PHE B 74 -17.34 25.10 -14.84
N GLY B 75 -18.22 24.22 -14.40
CA GLY B 75 -18.67 23.14 -15.26
C GLY B 75 -17.56 22.18 -15.64
N LEU B 76 -16.63 21.97 -14.70
CA LEU B 76 -15.49 21.08 -14.92
C LEU B 76 -15.72 19.73 -14.28
N LYS B 77 -15.24 18.67 -14.91
CA LYS B 77 -15.38 17.35 -14.32
C LYS B 77 -14.47 17.32 -13.10
N ILE B 78 -14.78 16.43 -12.15
CA ILE B 78 -14.03 16.34 -10.91
C ILE B 78 -13.47 14.96 -10.63
N THR B 79 -12.36 14.92 -9.89
CA THR B 79 -11.73 13.68 -9.47
C THR B 79 -10.99 13.93 -8.16
N THR B 80 -11.11 12.97 -7.24
CA THR B 80 -10.42 13.04 -5.96
C THR B 80 -10.23 11.59 -5.55
N ASP B 81 -9.32 11.35 -4.62
CA ASP B 81 -9.05 9.98 -4.18
C ASP B 81 -9.75 9.58 -2.88
N ILE B 82 -10.03 8.29 -2.74
CA ILE B 82 -10.65 7.77 -1.52
C ILE B 82 -9.62 6.91 -0.81
N HIS B 83 -9.81 6.69 0.49
CA HIS B 83 -8.84 5.92 1.26
C HIS B 83 -9.44 4.73 2.00
N GLU B 84 -10.76 4.74 2.16
CA GLU B 84 -11.47 3.65 2.81
C GLU B 84 -12.79 3.48 2.07
N SER B 85 -13.28 2.24 2.05
CA SER B 85 -14.51 1.90 1.35
C SER B 85 -15.72 2.81 1.55
N TRP B 86 -16.00 3.18 2.80
CA TRP B 86 -17.17 4.02 3.08
C TRP B 86 -17.16 5.37 2.36
N GLN B 87 -15.98 5.85 2.00
CA GLN B 87 -15.87 7.15 1.33
C GLN B 87 -16.32 7.17 -0.13
N ALA B 88 -16.38 6.00 -0.76
CA ALA B 88 -16.77 5.91 -2.18
C ALA B 88 -18.11 6.56 -2.52
N GLU B 89 -19.16 6.17 -1.83
CA GLU B 89 -20.50 6.70 -2.09
C GLU B 89 -20.61 8.22 -1.96
N PRO B 90 -20.20 8.79 -0.81
CA PRO B 90 -20.29 10.24 -0.66
C PRO B 90 -19.41 11.03 -1.64
N VAL B 91 -18.24 10.49 -1.97
CA VAL B 91 -17.35 11.17 -2.90
C VAL B 91 -17.92 11.12 -4.31
N ALA B 92 -18.58 10.03 -4.64
CA ALA B 92 -19.18 9.85 -5.96
C ALA B 92 -20.26 10.89 -6.25
N GLU B 93 -20.74 11.57 -5.22
CA GLU B 93 -21.77 12.59 -5.40
C GLU B 93 -21.26 13.71 -6.29
N VAL B 94 -19.95 13.94 -6.25
CA VAL B 94 -19.35 15.01 -7.05
C VAL B 94 -18.24 14.54 -8.00
N ALA B 95 -17.51 13.51 -7.59
CA ALA B 95 -16.41 13.02 -8.42
C ALA B 95 -16.85 12.21 -9.64
N ASP B 96 -16.41 12.67 -10.81
CA ASP B 96 -16.72 11.99 -12.07
C ASP B 96 -15.81 10.79 -12.18
N ILE B 97 -14.62 10.92 -11.59
CA ILE B 97 -13.62 9.85 -11.59
C ILE B 97 -13.13 9.66 -10.16
N ILE B 98 -13.25 8.44 -9.65
CA ILE B 98 -12.77 8.15 -8.30
C ILE B 98 -11.34 7.65 -8.43
N GLN B 99 -10.42 8.28 -7.70
CA GLN B 99 -9.02 7.91 -7.73
C GLN B 99 -8.62 6.97 -6.59
N ILE B 100 -7.87 5.92 -6.93
CA ILE B 100 -7.40 4.94 -5.94
C ILE B 100 -5.89 5.14 -5.72
N PRO B 101 -5.50 5.47 -4.48
CA PRO B 101 -4.08 5.70 -4.15
C PRO B 101 -3.17 4.53 -4.53
N ALA B 102 -1.92 4.85 -4.86
CA ALA B 102 -0.94 3.85 -5.26
C ALA B 102 -0.75 2.76 -4.21
N PHE B 103 -0.58 3.16 -2.95
CA PHE B 103 -0.38 2.15 -1.90
C PHE B 103 -1.60 1.25 -1.73
N LEU B 104 -2.76 1.73 -2.19
CA LEU B 104 -4.01 1.00 -2.04
C LEU B 104 -4.55 0.32 -3.29
N CYS B 105 -3.72 0.23 -4.32
CA CYS B 105 -4.17 -0.37 -5.58
C CYS B 105 -4.51 -1.86 -5.53
N ARG B 106 -4.19 -2.52 -4.43
CA ARG B 106 -4.49 -3.95 -4.30
C ARG B 106 -5.59 -4.21 -3.28
N GLN B 107 -6.14 -3.14 -2.70
CA GLN B 107 -7.20 -3.28 -1.71
C GLN B 107 -8.53 -3.54 -2.41
N THR B 108 -8.87 -4.81 -2.52
CA THR B 108 -10.09 -5.27 -3.18
C THR B 108 -11.38 -4.52 -2.84
N ASP B 109 -11.68 -4.37 -1.54
CA ASP B 109 -12.91 -3.68 -1.14
C ASP B 109 -12.96 -2.21 -1.56
N LEU B 110 -11.81 -1.54 -1.60
CA LEU B 110 -11.76 -0.14 -1.99
C LEU B 110 -12.08 -0.04 -3.48
N LEU B 111 -11.51 -0.95 -4.26
CA LEU B 111 -11.74 -0.99 -5.71
C LEU B 111 -13.20 -1.30 -6.00
N LEU B 112 -13.74 -2.30 -5.30
CA LEU B 112 -15.14 -2.69 -5.50
C LEU B 112 -16.08 -1.56 -5.08
N ALA B 113 -15.75 -0.91 -3.97
CA ALA B 113 -16.56 0.19 -3.46
C ALA B 113 -16.60 1.32 -4.50
N ALA B 114 -15.46 1.60 -5.11
CA ALA B 114 -15.39 2.65 -6.13
C ALA B 114 -16.18 2.22 -7.38
N ALA B 115 -16.01 0.97 -7.78
CA ALA B 115 -16.71 0.46 -8.95
C ALA B 115 -18.22 0.49 -8.79
N LYS B 116 -18.69 0.20 -7.59
CA LYS B 116 -20.13 0.18 -7.30
C LYS B 116 -20.85 1.51 -7.50
N THR B 117 -20.13 2.62 -7.33
CA THR B 117 -20.72 3.95 -7.48
C THR B 117 -21.18 4.26 -8.91
N GLY B 118 -20.68 3.49 -9.88
CA GLY B 118 -21.05 3.73 -11.26
C GLY B 118 -20.14 4.73 -11.95
N ARG B 119 -19.27 5.37 -11.18
CA ARG B 119 -18.34 6.36 -11.70
C ARG B 119 -17.12 5.73 -12.35
N ALA B 120 -16.33 6.55 -13.02
CA ALA B 120 -15.11 6.07 -13.66
C ALA B 120 -14.11 5.88 -12.51
N VAL B 121 -13.15 4.98 -12.69
CA VAL B 121 -12.15 4.73 -11.66
C VAL B 121 -10.75 4.80 -12.24
N ASN B 122 -9.87 5.56 -11.58
CA ASN B 122 -8.49 5.73 -11.99
C ASN B 122 -7.60 5.18 -10.88
N VAL B 123 -6.87 4.11 -11.16
CA VAL B 123 -6.00 3.51 -10.14
C VAL B 123 -4.54 3.88 -10.36
N LYS B 124 -3.92 4.44 -9.33
CA LYS B 124 -2.51 4.79 -9.37
C LYS B 124 -1.77 3.46 -9.24
N LYS B 125 -0.87 3.15 -10.17
CA LYS B 125 -0.12 1.90 -10.08
C LYS B 125 0.86 1.94 -8.92
N GLY B 126 0.73 0.97 -8.01
CA GLY B 126 1.62 0.93 -6.86
C GLY B 126 3.08 0.91 -7.27
N GLN B 127 3.93 1.53 -6.45
CA GLN B 127 5.37 1.59 -6.72
C GLN B 127 6.00 0.20 -6.65
N PHE B 128 5.21 -0.75 -6.14
CA PHE B 128 5.65 -2.14 -5.96
C PHE B 128 5.10 -3.08 -7.03
N LEU B 129 4.22 -2.56 -7.88
CA LEU B 129 3.59 -3.36 -8.91
C LEU B 129 4.27 -3.39 -10.28
N ALA B 130 4.31 -4.56 -10.91
CA ALA B 130 4.89 -4.71 -12.24
C ALA B 130 3.76 -4.30 -13.19
N PRO B 131 4.10 -3.78 -14.38
CA PRO B 131 3.06 -3.36 -15.34
C PRO B 131 2.04 -4.45 -15.67
N TRP B 132 2.53 -5.65 -15.92
CA TRP B 132 1.64 -6.76 -16.27
C TRP B 132 0.73 -7.20 -15.14
N ASP B 133 1.06 -6.81 -13.91
CA ASP B 133 0.21 -7.20 -12.80
C ASP B 133 -0.97 -6.27 -12.59
N THR B 134 -1.12 -5.27 -13.47
CA THR B 134 -2.24 -4.35 -13.37
C THR B 134 -3.46 -4.99 -14.06
N LYS B 135 -3.24 -6.06 -14.81
CA LYS B 135 -4.33 -6.74 -15.48
C LYS B 135 -5.36 -7.20 -14.44
N ASN B 136 -4.88 -7.75 -13.34
CA ASN B 136 -5.76 -8.22 -12.27
C ASN B 136 -6.49 -7.07 -11.59
N VAL B 137 -5.86 -5.90 -11.56
CA VAL B 137 -6.49 -4.73 -10.95
C VAL B 137 -7.73 -4.35 -11.76
N VAL B 138 -7.57 -4.35 -13.08
CA VAL B 138 -8.66 -4.02 -13.99
C VAL B 138 -9.78 -5.05 -13.84
N GLU B 139 -9.42 -6.33 -13.79
CA GLU B 139 -10.40 -7.40 -13.65
C GLU B 139 -11.26 -7.22 -12.39
N LYS B 140 -10.67 -6.72 -11.31
CA LYS B 140 -11.43 -6.50 -10.08
C LYS B 140 -12.49 -5.44 -10.31
N LEU B 141 -12.10 -4.35 -10.94
CA LEU B 141 -13.02 -3.25 -11.23
C LEU B 141 -14.12 -3.66 -12.18
N LYS B 142 -13.80 -4.45 -13.20
CA LYS B 142 -14.81 -4.91 -14.15
C LYS B 142 -15.82 -5.79 -13.42
N PHE B 143 -15.30 -6.69 -12.58
CA PHE B 143 -16.16 -7.59 -11.81
C PHE B 143 -17.03 -6.73 -10.90
N GLY B 144 -16.51 -5.58 -10.48
CA GLY B 144 -17.24 -4.69 -9.61
C GLY B 144 -18.26 -3.82 -10.33
N GLY B 145 -18.27 -3.88 -11.66
CA GLY B 145 -19.23 -3.10 -12.42
C GLY B 145 -18.69 -1.87 -13.13
N ALA B 146 -17.41 -1.56 -12.93
CA ALA B 146 -16.81 -0.39 -13.55
C ALA B 146 -16.69 -0.59 -15.06
N LYS B 147 -16.92 0.48 -15.82
CA LYS B 147 -16.82 0.41 -17.27
C LYS B 147 -15.74 1.34 -17.82
N GLU B 148 -15.50 2.46 -17.15
CA GLU B 148 -14.47 3.40 -17.59
C GLU B 148 -13.35 3.23 -16.57
N ILE B 149 -12.25 2.63 -17.02
CA ILE B 149 -11.13 2.35 -16.12
C ILE B 149 -9.82 2.94 -16.61
N TYR B 150 -9.10 3.59 -15.69
CA TYR B 150 -7.80 4.17 -16.01
C TYR B 150 -6.73 3.60 -15.09
N LEU B 151 -5.51 3.54 -15.60
CA LEU B 151 -4.35 3.08 -14.83
C LEU B 151 -3.35 4.21 -14.95
N THR B 152 -2.82 4.67 -13.81
CA THR B 152 -1.86 5.77 -13.83
C THR B 152 -0.44 5.38 -13.46
N GLU B 153 0.48 5.69 -14.37
CA GLU B 153 1.90 5.44 -14.18
C GLU B 153 2.43 6.55 -13.28
N ARG B 154 3.03 6.19 -12.15
CA ARG B 154 3.57 7.18 -11.24
C ARG B 154 4.93 6.79 -10.68
N GLY B 155 5.65 5.93 -11.39
CA GLY B 155 6.97 5.53 -10.95
C GLY B 155 7.01 4.21 -10.21
N THR B 156 8.19 3.62 -10.18
CA THR B 156 8.39 2.34 -9.51
C THR B 156 9.59 2.43 -8.55
N THR B 157 9.49 1.74 -7.43
CA THR B 157 10.56 1.74 -6.43
C THR B 157 11.88 1.34 -7.09
N PHE B 158 12.89 2.21 -6.93
CA PHE B 158 14.21 1.98 -7.50
C PHE B 158 15.21 2.23 -6.38
N GLY B 159 15.52 1.20 -5.60
CA GLY B 159 16.41 1.39 -4.48
C GLY B 159 15.63 2.15 -3.43
N TYR B 160 16.33 2.84 -2.52
CA TYR B 160 15.64 3.59 -1.47
C TYR B 160 15.42 5.06 -1.82
N ASN B 161 14.28 5.60 -1.41
CA ASN B 161 13.95 7.01 -1.62
C ASN B 161 14.12 7.49 -3.05
N ASN B 162 13.76 6.65 -4.02
CA ASN B 162 13.88 7.03 -5.41
C ASN B 162 12.88 6.23 -6.23
N LEU B 163 12.38 6.85 -7.29
CA LEU B 163 11.42 6.20 -8.17
C LEU B 163 11.96 6.32 -9.58
N VAL B 164 11.70 5.32 -10.41
CA VAL B 164 12.13 5.37 -11.79
C VAL B 164 10.87 5.15 -12.64
N VAL B 165 10.79 5.80 -13.79
CA VAL B 165 9.64 5.59 -14.66
C VAL B 165 10.09 4.65 -15.77
N ASP B 166 9.53 3.45 -15.79
CA ASP B 166 9.85 2.47 -16.82
C ASP B 166 8.78 2.70 -17.87
N PHE B 167 9.13 3.44 -18.92
CA PHE B 167 8.13 3.75 -19.94
C PHE B 167 7.58 2.55 -20.73
N ARG B 168 8.16 1.38 -20.50
CA ARG B 168 7.66 0.18 -21.15
C ARG B 168 6.26 -0.11 -20.59
N SER B 169 5.98 0.44 -19.42
CA SER B 169 4.69 0.23 -18.76
C SER B 169 3.51 0.79 -19.55
N LEU B 170 3.72 1.90 -20.25
CA LEU B 170 2.64 2.53 -21.01
C LEU B 170 2.02 1.57 -22.03
N PRO B 171 2.82 1.01 -22.94
CA PRO B 171 2.23 0.10 -23.91
C PRO B 171 1.68 -1.20 -23.31
N ILE B 172 2.28 -1.66 -22.22
CA ILE B 172 1.82 -2.87 -21.56
C ILE B 172 0.45 -2.68 -20.93
N MET B 173 0.30 -1.61 -20.14
CA MET B 173 -0.97 -1.34 -19.46
C MET B 173 -2.09 -0.97 -20.43
N LYS B 174 -1.72 -0.43 -21.59
CA LYS B 174 -2.70 -0.04 -22.59
C LYS B 174 -3.48 -1.25 -23.11
N GLN B 175 -2.96 -2.45 -22.89
CA GLN B 175 -3.63 -3.65 -23.35
C GLN B 175 -4.97 -3.87 -22.65
N TRP B 176 -5.12 -3.34 -21.45
CA TRP B 176 -6.36 -3.54 -20.70
C TRP B 176 -7.04 -2.32 -20.10
N ALA B 177 -6.50 -1.14 -20.33
CA ALA B 177 -7.12 0.07 -19.80
C ALA B 177 -6.50 1.33 -20.39
N LYS B 178 -7.17 2.46 -20.18
CA LYS B 178 -6.67 3.74 -20.66
C LYS B 178 -5.52 4.08 -19.72
N VAL B 179 -4.45 4.62 -20.27
CA VAL B 179 -3.29 4.95 -19.45
C VAL B 179 -3.03 6.44 -19.29
N ILE B 180 -2.81 6.85 -18.05
CA ILE B 180 -2.54 8.23 -17.71
C ILE B 180 -1.12 8.29 -17.13
N TYR B 181 -0.38 9.32 -17.47
CA TYR B 181 0.97 9.48 -16.92
C TYR B 181 0.97 10.58 -15.87
N ASP B 182 1.39 10.23 -14.65
CA ASP B 182 1.47 11.18 -13.54
C ASP B 182 2.84 11.86 -13.64
N ALA B 183 2.85 13.09 -14.15
CA ALA B 183 4.08 13.84 -14.34
C ALA B 183 4.71 14.44 -13.09
N THR B 184 3.93 14.59 -12.02
CA THR B 184 4.47 15.19 -10.81
C THR B 184 4.94 14.20 -9.74
N HIS B 185 4.21 13.11 -9.52
CA HIS B 185 4.63 12.15 -8.51
C HIS B 185 5.74 11.23 -9.02
N SER B 186 5.86 11.10 -10.34
CA SER B 186 6.87 10.23 -10.93
C SER B 186 8.29 10.68 -10.68
N VAL B 187 8.46 11.96 -10.35
CA VAL B 187 9.79 12.51 -10.11
C VAL B 187 10.04 12.85 -8.64
N GLN B 188 9.07 12.53 -7.78
CA GLN B 188 9.21 12.80 -6.36
C GLN B 188 10.11 11.73 -5.73
N LEU B 189 10.88 12.14 -4.73
CA LEU B 189 11.77 11.23 -4.02
C LEU B 189 11.10 10.85 -2.71
N PRO B 190 10.57 9.63 -2.61
CA PRO B 190 9.89 9.11 -1.41
C PRO B 190 10.70 9.24 -0.12
N GLY B 191 10.05 9.71 0.94
CA GLY B 191 10.71 9.87 2.22
C GLY B 191 11.91 10.79 2.20
N GLY B 199 11.25 15.67 -4.68
CA GLY B 199 11.71 15.29 -6.00
C GLY B 199 12.35 16.45 -6.75
N MET B 200 12.61 16.25 -8.04
CA MET B 200 13.22 17.29 -8.86
C MET B 200 12.27 17.80 -9.93
N ARG B 201 11.81 19.03 -9.76
CA ARG B 201 10.90 19.67 -10.70
C ARG B 201 11.53 19.81 -12.08
N GLU B 202 12.85 19.82 -12.13
CA GLU B 202 13.57 19.96 -13.40
C GLU B 202 13.32 18.78 -14.34
N PHE B 203 12.80 17.68 -13.81
CA PHE B 203 12.56 16.52 -14.67
C PHE B 203 11.10 16.33 -15.09
N ILE B 204 10.21 17.15 -14.55
CA ILE B 204 8.79 17.04 -14.87
C ILE B 204 8.50 17.17 -16.38
N PHE B 205 8.92 18.28 -16.98
CA PHE B 205 8.68 18.53 -18.41
C PHE B 205 9.34 17.47 -19.31
N PRO B 206 10.62 17.17 -19.09
CA PRO B 206 11.30 16.17 -19.92
C PRO B 206 10.57 14.83 -19.94
N LEU B 207 10.14 14.35 -18.78
CA LEU B 207 9.47 13.06 -18.72
C LEU B 207 8.04 13.09 -19.25
N ILE B 208 7.38 14.23 -19.15
CA ILE B 208 6.02 14.29 -19.68
C ILE B 208 6.13 14.26 -21.20
N ARG B 209 7.20 14.83 -21.76
CA ARG B 209 7.41 14.82 -23.21
C ARG B 209 7.62 13.37 -23.64
N ALA B 210 8.37 12.62 -22.84
CA ALA B 210 8.62 11.21 -23.13
C ALA B 210 7.30 10.45 -23.13
N ALA B 211 6.45 10.72 -22.13
CA ALA B 211 5.17 10.03 -22.02
C ALA B 211 4.31 10.16 -23.28
N VAL B 212 4.20 11.37 -23.80
CA VAL B 212 3.39 11.56 -25.00
C VAL B 212 4.08 11.02 -26.25
N ALA B 213 5.40 10.99 -26.25
CA ALA B 213 6.14 10.45 -27.39
C ALA B 213 5.91 8.94 -27.43
N VAL B 214 5.87 8.32 -26.25
CA VAL B 214 5.64 6.88 -26.17
C VAL B 214 4.19 6.60 -26.51
N GLY B 215 3.30 7.40 -25.92
CA GLY B 215 1.88 7.24 -26.16
C GLY B 215 1.09 6.90 -24.92
N CYS B 216 0.17 7.79 -24.54
CA CYS B 216 -0.69 7.55 -23.39
C CYS B 216 -2.04 8.21 -23.68
N ASP B 217 -3.01 7.98 -22.81
CA ASP B 217 -4.35 8.54 -23.03
C ASP B 217 -4.60 9.83 -22.28
N GLY B 218 -3.64 10.24 -21.46
CA GLY B 218 -3.80 11.46 -20.72
C GLY B 218 -2.64 11.69 -19.79
N VAL B 219 -2.59 12.88 -19.21
CA VAL B 219 -1.52 13.20 -18.28
C VAL B 219 -2.14 13.76 -17.01
N PHE B 220 -1.45 13.51 -15.90
CA PHE B 220 -1.90 13.95 -14.59
C PHE B 220 -0.82 14.90 -14.06
N MET B 221 -1.23 16.11 -13.65
CA MET B 221 -0.29 17.10 -13.13
C MET B 221 -0.84 17.89 -11.95
N GLU B 222 -0.07 17.97 -10.88
CA GLU B 222 -0.47 18.76 -9.72
C GLU B 222 0.04 20.16 -10.01
N THR B 223 -0.82 21.16 -9.85
CA THR B 223 -0.43 22.55 -10.11
C THR B 223 -0.93 23.46 -8.99
N HIS B 224 -0.12 24.44 -8.65
CA HIS B 224 -0.44 25.36 -7.56
C HIS B 224 0.07 26.75 -7.91
N PRO B 225 -0.72 27.80 -7.62
CA PRO B 225 -0.31 29.18 -7.90
C PRO B 225 1.06 29.51 -7.32
N GLU B 226 1.35 28.94 -6.15
CA GLU B 226 2.63 29.16 -5.49
C GLU B 226 3.08 27.87 -4.81
N PRO B 227 3.58 26.91 -5.60
CA PRO B 227 4.04 25.61 -5.08
C PRO B 227 4.88 25.70 -3.81
N GLU B 228 5.75 26.71 -3.75
CA GLU B 228 6.62 26.93 -2.61
C GLU B 228 5.84 27.03 -1.30
N LYS B 229 4.59 27.48 -1.40
CA LYS B 229 3.74 27.63 -0.21
C LYS B 229 2.74 26.50 -0.04
N ALA B 230 2.72 25.56 -0.99
CA ALA B 230 1.80 24.44 -0.93
C ALA B 230 2.03 23.66 0.36
N LEU B 231 0.96 23.14 0.94
CA LEU B 231 1.03 22.37 2.17
C LEU B 231 1.28 20.90 1.91
N SER B 232 1.42 20.56 0.63
CA SER B 232 1.67 19.18 0.22
C SER B 232 2.42 19.20 -1.12
N ASP B 233 3.37 18.29 -1.28
CA ASP B 233 4.18 18.21 -2.50
C ASP B 233 4.65 19.58 -3.00
N ALA B 234 5.23 20.36 -2.10
CA ALA B 234 5.72 21.69 -2.45
C ALA B 234 6.87 21.64 -3.44
N SER B 235 7.67 20.58 -3.37
CA SER B 235 8.83 20.44 -4.26
C SER B 235 8.53 19.93 -5.66
N THR B 236 7.30 19.49 -5.92
CA THR B 236 6.97 18.96 -7.24
C THR B 236 5.75 19.56 -7.93
N GLN B 237 4.95 20.35 -7.23
CA GLN B 237 3.78 20.94 -7.86
C GLN B 237 4.16 21.99 -8.89
N LEU B 238 3.58 21.87 -10.08
CA LEU B 238 3.87 22.78 -11.18
C LEU B 238 3.28 24.17 -10.99
N PRO B 239 4.08 25.23 -11.21
CA PRO B 239 3.55 26.58 -11.05
C PRO B 239 2.39 26.74 -12.03
N LEU B 240 1.26 27.26 -11.54
CA LEU B 240 0.08 27.43 -12.38
C LEU B 240 0.35 28.11 -13.72
N SER B 241 1.19 29.14 -13.70
CA SER B 241 1.52 29.90 -14.91
C SER B 241 2.23 29.11 -16.00
N GLN B 242 2.80 27.96 -15.65
CA GLN B 242 3.52 27.14 -16.61
C GLN B 242 2.67 26.04 -17.23
N LEU B 243 1.45 25.87 -16.74
CA LEU B 243 0.57 24.82 -17.23
C LEU B 243 0.20 24.94 -18.72
N GLU B 244 -0.21 26.13 -19.15
CA GLU B 244 -0.59 26.31 -20.55
C GLU B 244 0.53 25.90 -21.51
N GLY B 245 1.74 26.39 -21.24
CA GLY B 245 2.87 26.06 -22.09
C GLY B 245 3.16 24.58 -22.20
N ILE B 246 3.07 23.88 -21.08
CA ILE B 246 3.32 22.44 -21.08
C ILE B 246 2.23 21.69 -21.83
N ILE B 247 0.98 22.13 -21.68
CA ILE B 247 -0.13 21.48 -22.37
C ILE B 247 0.03 21.64 -23.88
N GLU B 248 0.32 22.85 -24.32
CA GLU B 248 0.49 23.11 -25.75
C GLU B 248 1.65 22.26 -26.29
N ALA B 249 2.71 22.16 -25.50
CA ALA B 249 3.88 21.38 -25.89
C ALA B 249 3.55 19.90 -26.07
N ILE B 250 2.84 19.31 -25.12
CA ILE B 250 2.53 17.89 -25.26
C ILE B 250 1.50 17.63 -26.36
N LEU B 251 0.65 18.60 -26.64
CA LEU B 251 -0.33 18.42 -27.71
C LEU B 251 0.39 18.41 -29.05
N GLU B 252 1.40 19.27 -29.19
CA GLU B 252 2.18 19.32 -30.44
C GLU B 252 2.98 18.04 -30.62
N ILE B 253 3.61 17.57 -29.54
CA ILE B 253 4.40 16.34 -29.62
C ILE B 253 3.50 15.16 -29.93
N ARG B 254 2.35 15.09 -29.27
CA ARG B 254 1.39 14.02 -29.50
C ARG B 254 0.90 14.02 -30.95
N GLU B 255 0.63 15.21 -31.48
CA GLU B 255 0.14 15.33 -32.86
C GLU B 255 1.10 14.65 -33.83
N VAL B 256 2.40 14.88 -33.67
CA VAL B 256 3.38 14.29 -34.55
C VAL B 256 3.67 12.82 -34.23
N ALA B 257 3.85 12.53 -32.95
CA ALA B 257 4.18 11.17 -32.50
C ALA B 257 3.08 10.13 -32.63
N SER B 258 1.82 10.56 -32.49
CA SER B 258 0.69 9.65 -32.56
C SER B 258 0.68 8.78 -33.81
N LYS B 259 1.27 9.28 -34.88
CA LYS B 259 1.34 8.53 -36.13
C LYS B 259 2.04 7.20 -35.90
N TYR B 260 2.95 7.17 -34.93
CA TYR B 260 3.73 5.98 -34.64
C TYR B 260 3.32 5.13 -33.43
N TYR B 261 2.25 5.50 -32.75
CA TYR B 261 1.82 4.72 -31.59
C TYR B 261 1.46 3.32 -32.08
N GLU B 262 1.94 2.29 -31.38
CA GLU B 262 1.66 0.91 -31.75
C GLU B 262 0.20 0.54 -31.48
N THR B 263 -0.37 -0.31 -32.33
CA THR B 263 -1.75 -0.74 -32.18
C THR B 263 -1.94 -1.63 -30.95
N ILE B 264 -2.81 -1.19 -30.04
CA ILE B 264 -3.12 -1.89 -28.78
C ILE B 264 -1.94 -2.57 -28.08
P PO4 C . -1.51 -13.31 -3.98
O1 PO4 C . -0.70 -12.53 -4.95
O2 PO4 C . -1.33 -14.77 -4.22
O3 PO4 C . -2.95 -12.96 -4.15
O4 PO4 C . -1.07 -12.98 -2.59
CD CD D . 0.62 -14.79 4.08
O1 PEZ E . -0.95 -12.07 6.42
C1 PEZ E . 0.13 -11.38 6.28
O2' PEZ E . 1.09 -11.57 6.97
C2 PEZ E . 0.02 -10.30 5.18
O2 PEZ E . 1.27 -9.63 5.14
P PEZ E . 1.80 -8.40 4.27
O1P PEZ E . 1.01 -7.25 4.68
O2P PEZ E . 1.89 -8.89 2.85
O3P PEZ E . 3.25 -8.23 4.80
C3 PEZ E . -1.04 -9.99 4.39
C4 PEZ E . -1.50 -9.11 3.32
P PO4 F . 5.08 13.06 2.37
O1 PO4 F . 5.52 14.46 2.18
O2 PO4 F . 6.28 12.18 2.47
O3 PO4 F . 4.25 12.64 1.22
O4 PO4 F . 4.28 12.95 3.62
CD CD G . 0.14 14.73 -4.55
O1 PEZ H . -3.01 12.79 -4.64
C1 PEZ H . -2.40 11.86 -5.29
O2' PEZ H . -2.33 11.86 -6.49
C2 PEZ H . -1.79 10.77 -4.37
O2 PEZ H . -1.17 9.83 -5.22
P PEZ H . -0.44 8.44 -4.93
O1P PEZ H . -1.47 7.52 -4.44
O2P PEZ H . 0.81 8.75 -4.16
O3P PEZ H . -0.02 7.98 -6.35
C3 PEZ H . -1.86 10.65 -3.02
C4 PEZ H . -1.45 9.82 -1.88
#